data_1YD6
#
_entry.id   1YD6
#
_cell.length_a   86.487
_cell.length_b   86.660
_cell.length_c   67.862
_cell.angle_alpha   90.00
_cell.angle_beta   120.16
_cell.angle_gamma   90.00
#
_symmetry.space_group_name_H-M   'C 1 2 1'
#
loop_
_entity.id
_entity.type
_entity.pdbx_description
1 polymer UvrC
2 non-polymer 'CHLORIDE ION'
3 non-polymer 'SULFATE ION'
4 water water
#
_entity_poly.entity_id   1
_entity_poly.type   'polypeptide(L)'
_entity_poly.pdbx_seq_one_letter_code
;MNERLKEKLAVLPEQPGCYLMKDKHGTVIYVGKAKSLKERVRSYFTGTHDGKTQRLVEEIADFEYIVTSSNAEALILEMN
LIKKHDPKYNVMLKDDKSY
;
_entity_poly.pdbx_strand_id   A,B,C,D
#
loop_
_chem_comp.id
_chem_comp.type
_chem_comp.name
_chem_comp.formula
CL non-polymer 'CHLORIDE ION' 'Cl -1'
SO4 non-polymer 'SULFATE ION' 'O4 S -2'
#
# COMPACT_ATOMS: atom_id res chain seq x y z
N MET A 1 12.65 15.07 -28.18
CA MET A 1 13.98 14.85 -27.57
C MET A 1 14.78 16.14 -27.36
N ASN A 2 14.26 16.95 -26.46
CA ASN A 2 14.92 18.16 -26.09
C ASN A 2 16.15 17.84 -25.23
N GLU A 3 16.95 18.85 -24.98
CA GLU A 3 18.18 18.74 -24.21
C GLU A 3 17.90 18.40 -22.75
N ARG A 4 16.85 18.99 -22.21
CA ARG A 4 16.49 18.77 -20.83
C ARG A 4 16.16 17.30 -20.66
N LEU A 5 15.34 16.75 -21.56
CA LEU A 5 15.02 15.31 -21.52
C LEU A 5 16.28 14.42 -21.68
N LYS A 6 17.21 14.79 -22.56
CA LYS A 6 18.50 14.04 -22.66
C LYS A 6 19.27 14.03 -21.35
N GLU A 7 19.42 15.18 -20.72
CA GLU A 7 20.14 15.26 -19.46
C GLU A 7 19.46 14.43 -18.37
N LYS A 8 18.14 14.38 -18.38
CA LYS A 8 17.40 13.54 -17.40
C LYS A 8 17.56 12.06 -17.67
N LEU A 9 17.62 11.66 -18.94
CA LEU A 9 17.84 10.23 -19.25
C LEU A 9 19.24 9.74 -18.83
N ALA A 10 20.21 10.66 -18.85
CA ALA A 10 21.58 10.30 -18.53
C ALA A 10 21.81 9.99 -17.06
N VAL A 11 20.93 10.47 -16.18
CA VAL A 11 21.12 10.35 -14.74
C VAL A 11 20.37 9.17 -14.12
N LEU A 12 19.55 8.50 -14.91
CA LEU A 12 18.74 7.41 -14.41
C LEU A 12 19.61 6.36 -13.74
N PRO A 13 19.16 5.86 -12.56
CA PRO A 13 19.94 4.84 -11.90
C PRO A 13 19.53 3.41 -12.27
N GLU A 14 20.46 2.50 -12.09
CA GLU A 14 20.23 1.09 -12.13
C GLU A 14 19.60 0.67 -10.77
N GLN A 15 18.36 1.08 -10.53
CA GLN A 15 17.64 0.80 -9.30
C GLN A 15 16.16 0.66 -9.64
N PRO A 16 15.40 -0.07 -8.78
CA PRO A 16 13.98 -0.20 -8.98
C PRO A 16 13.29 1.06 -8.59
N GLY A 17 12.06 1.24 -9.07
CA GLY A 17 11.24 2.31 -8.60
C GLY A 17 10.14 2.55 -9.58
N CYS A 18 9.61 3.76 -9.57
CA CYS A 18 8.56 4.15 -10.48
C CYS A 18 8.99 5.40 -11.24
N TYR A 19 8.36 5.58 -12.38
CA TYR A 19 8.57 6.74 -13.26
C TYR A 19 7.22 7.38 -13.63
N LEU A 20 7.23 8.71 -13.79
CA LEU A 20 6.06 9.49 -14.07
C LEU A 20 6.37 10.32 -15.31
N MET A 21 5.80 9.89 -16.43
CA MET A 21 6.04 10.51 -17.69
C MET A 21 5.00 11.69 -17.75
N LYS A 22 5.44 12.83 -18.29
CA LYS A 22 4.73 14.09 -18.17
C LYS A 22 4.61 14.83 -19.50
N ASP A 23 3.53 15.59 -19.65
CA ASP A 23 3.30 16.54 -20.79
C ASP A 23 4.39 17.58 -21.03
N LYS A 24 4.19 18.39 -22.09
CA LYS A 24 4.91 19.66 -22.23
C LYS A 24 4.24 20.77 -21.39
N HIS A 25 3.18 20.40 -20.67
CA HIS A 25 2.55 21.25 -19.65
C HIS A 25 2.88 20.80 -18.21
N GLY A 26 3.50 19.63 -18.07
CA GLY A 26 3.92 19.14 -16.76
C GLY A 26 2.96 18.19 -16.06
N THR A 27 1.90 17.78 -16.74
CA THR A 27 0.89 16.88 -16.17
C THR A 27 1.32 15.43 -16.31
N VAL A 28 1.14 14.64 -15.26
CA VAL A 28 1.46 13.22 -15.32
C VAL A 28 0.45 12.45 -16.21
N ILE A 29 0.95 11.88 -17.30
CA ILE A 29 0.14 11.13 -18.28
C ILE A 29 0.38 9.61 -18.31
N TYR A 30 1.42 9.16 -17.61
CA TYR A 30 1.63 7.73 -17.40
C TYR A 30 2.48 7.51 -16.16
N VAL A 31 2.09 6.51 -15.36
CA VAL A 31 2.92 5.97 -14.27
C VAL A 31 3.26 4.49 -14.58
N GLY A 32 4.53 4.13 -14.48
CA GLY A 32 4.93 2.71 -14.56
C GLY A 32 5.97 2.36 -13.49
N LYS A 33 6.27 1.08 -13.40
CA LYS A 33 7.27 0.61 -12.46
C LYS A 33 8.35 -0.13 -13.21
N ALA A 34 9.53 -0.18 -12.60
CA ALA A 34 10.68 -0.82 -13.20
C ALA A 34 11.56 -1.48 -12.17
N LYS A 35 12.11 -2.63 -12.51
CA LYS A 35 13.19 -3.21 -11.74
C LYS A 35 14.50 -2.43 -11.98
N SER A 36 14.65 -1.88 -13.19
CA SER A 36 15.77 -1.01 -13.51
C SER A 36 15.22 0.25 -14.16
N LEU A 37 15.22 1.35 -13.43
CA LEU A 37 14.67 2.58 -13.97
C LEU A 37 15.42 3.03 -15.22
N LYS A 38 16.75 2.85 -15.19
CA LYS A 38 17.62 3.19 -16.35
C LYS A 38 17.19 2.54 -17.67
N GLU A 39 17.11 1.20 -17.69
CA GLU A 39 16.69 0.41 -18.86
C GLU A 39 15.25 0.77 -19.30
N ARG A 40 14.34 0.78 -18.33
CA ARG A 40 12.92 0.95 -18.64
C ARG A 40 12.56 2.32 -19.20
N VAL A 41 13.00 3.37 -18.52
CA VAL A 41 12.65 4.72 -18.95
C VAL A 41 13.31 5.03 -20.30
N ARG A 42 14.59 4.69 -20.45
CA ARG A 42 15.29 4.89 -21.71
C ARG A 42 14.64 4.15 -22.89
N SER A 43 14.09 2.95 -22.65
CA SER A 43 13.40 2.15 -23.70
C SER A 43 12.29 2.88 -24.50
N TYR A 44 11.67 3.89 -23.89
CA TYR A 44 10.63 4.68 -24.55
C TYR A 44 11.20 5.54 -25.70
N PHE A 45 12.44 5.95 -25.58
CA PHE A 45 12.99 6.91 -26.51
C PHE A 45 13.96 6.29 -27.48
N THR A 46 13.95 4.96 -27.58
CA THR A 46 14.82 4.25 -28.49
C THR A 46 14.08 3.04 -29.05
N GLY A 47 14.49 2.61 -30.24
CA GLY A 47 13.93 1.44 -30.92
C GLY A 47 12.48 1.59 -31.37
N THR A 48 11.82 0.45 -31.51
CA THR A 48 10.45 0.33 -32.00
C THR A 48 9.45 0.32 -30.85
N HIS A 49 8.18 0.62 -31.13
CA HIS A 49 7.08 0.53 -30.15
C HIS A 49 5.72 0.37 -30.84
N ASP A 50 4.75 -0.25 -30.14
CA ASP A 50 3.41 -0.44 -30.71
C ASP A 50 2.70 0.91 -30.89
N GLY A 51 1.71 0.93 -31.78
CA GLY A 51 1.03 2.15 -32.14
C GLY A 51 0.53 2.93 -30.95
N LYS A 52 -0.04 2.24 -29.97
CA LYS A 52 -0.58 2.92 -28.78
C LYS A 52 0.54 3.53 -27.94
N THR A 53 1.63 2.78 -27.75
CA THR A 53 2.74 3.25 -26.95
C THR A 53 3.44 4.40 -27.69
N GLN A 54 3.46 4.34 -29.02
CA GLN A 54 3.95 5.45 -29.83
C GLN A 54 3.25 6.76 -29.51
N ARG A 55 1.97 6.72 -29.17
CA ARG A 55 1.24 7.96 -28.94
C ARG A 55 1.59 8.58 -27.60
N LEU A 56 1.66 7.75 -26.56
CA LEU A 56 2.28 8.15 -25.30
C LEU A 56 3.62 8.81 -25.56
N VAL A 57 4.50 8.10 -26.26
CA VAL A 57 5.86 8.60 -26.49
C VAL A 57 5.88 9.99 -27.12
N GLU A 58 5.06 10.20 -28.15
CA GLU A 58 5.03 11.50 -28.84
C GLU A 58 4.50 12.60 -27.88
N GLU A 59 3.87 12.18 -26.78
CA GLU A 59 3.31 13.12 -25.82
C GLU A 59 4.27 13.48 -24.67
N ILE A 60 5.38 12.75 -24.58
CA ILE A 60 6.33 12.97 -23.51
C ILE A 60 7.36 14.06 -23.80
N ALA A 61 7.35 15.05 -22.93
CA ALA A 61 8.32 16.14 -22.85
C ALA A 61 9.20 16.12 -21.56
N ASP A 62 8.78 15.39 -20.51
CA ASP A 62 9.48 15.38 -19.21
C ASP A 62 9.13 14.08 -18.47
N PHE A 63 9.87 13.79 -17.42
CA PHE A 63 9.55 12.67 -16.54
C PHE A 63 10.20 12.88 -15.20
N GLU A 64 9.64 12.23 -14.19
CA GLU A 64 10.19 12.21 -12.85
C GLU A 64 10.35 10.72 -12.48
N TYR A 65 11.27 10.39 -11.61
CA TYR A 65 11.39 9.03 -11.10
C TYR A 65 11.52 9.07 -9.60
N ILE A 66 11.08 7.98 -8.97
CA ILE A 66 11.19 7.77 -7.55
C ILE A 66 11.78 6.38 -7.33
N VAL A 67 12.98 6.34 -6.76
CA VAL A 67 13.71 5.08 -6.53
C VAL A 67 13.11 4.40 -5.29
N THR A 68 13.05 3.08 -5.33
CA THR A 68 12.63 2.30 -4.18
C THR A 68 13.78 1.35 -3.77
N SER A 69 13.68 0.72 -2.61
CA SER A 69 14.72 -0.17 -2.16
C SER A 69 14.53 -1.58 -2.69
N SER A 70 13.30 -1.87 -3.13
CA SER A 70 12.95 -3.20 -3.59
C SER A 70 11.93 -3.16 -4.73
N ASN A 71 11.83 -4.26 -5.48
CA ASN A 71 10.73 -4.43 -6.43
C ASN A 71 9.36 -4.41 -5.78
N ALA A 72 9.23 -5.06 -4.62
CA ALA A 72 7.97 -5.09 -3.90
C ALA A 72 7.49 -3.66 -3.59
N GLU A 73 8.41 -2.86 -3.05
CA GLU A 73 8.11 -1.43 -2.82
C GLU A 73 7.76 -0.66 -4.08
N ALA A 74 8.46 -0.91 -5.21
CA ALA A 74 8.11 -0.30 -6.50
C ALA A 74 6.68 -0.58 -6.91
N LEU A 75 6.22 -1.81 -6.71
CA LEU A 75 4.86 -2.20 -7.04
C LEU A 75 3.81 -1.51 -6.16
N ILE A 76 4.07 -1.43 -4.84
CA ILE A 76 3.18 -0.70 -3.91
C ILE A 76 3.16 0.79 -4.35
N LEU A 77 4.34 1.36 -4.58
CA LEU A 77 4.44 2.76 -5.01
C LEU A 77 3.67 2.98 -6.30
N GLU A 78 3.84 2.09 -7.25
CA GLU A 78 3.15 2.22 -8.52
C GLU A 78 1.63 2.42 -8.38
N MET A 79 0.96 1.59 -7.57
CA MET A 79 -0.48 1.63 -7.45
C MET A 79 -0.91 2.89 -6.70
N ASN A 80 -0.09 3.36 -5.75
CA ASN A 80 -0.39 4.59 -5.05
C ASN A 80 -0.23 5.81 -5.97
N LEU A 81 0.77 5.76 -6.85
CA LEU A 81 0.99 6.85 -7.81
C LEU A 81 -0.06 6.94 -8.87
N ILE A 82 -0.57 5.78 -9.31
CA ILE A 82 -1.73 5.71 -10.18
C ILE A 82 -2.99 6.32 -9.54
N LYS A 83 -3.25 5.97 -8.29
CA LYS A 83 -4.38 6.54 -7.58
C LYS A 83 -4.22 8.06 -7.49
N LYS A 84 -3.03 8.53 -7.14
CA LYS A 84 -2.79 9.95 -6.99
C LYS A 84 -2.98 10.77 -8.27
N HIS A 85 -2.43 10.29 -9.37
CA HIS A 85 -2.39 11.05 -10.61
C HIS A 85 -3.40 10.64 -11.67
N ASP A 86 -4.05 9.49 -11.47
CA ASP A 86 -5.03 8.92 -12.41
C ASP A 86 -4.63 9.23 -13.87
N PRO A 87 -3.49 8.70 -14.32
CA PRO A 87 -2.96 9.07 -15.64
C PRO A 87 -3.68 8.49 -16.86
N LYS A 88 -3.79 9.35 -17.91
CA LYS A 88 -4.49 9.04 -19.17
C LYS A 88 -4.11 7.70 -19.68
N TYR A 89 -2.80 7.54 -19.89
CA TYR A 89 -2.29 6.35 -20.58
C TYR A 89 -2.37 5.07 -19.76
N ASN A 90 -2.49 5.18 -18.43
CA ASN A 90 -2.76 3.96 -17.66
C ASN A 90 -4.13 3.41 -18.00
N VAL A 91 -5.06 4.30 -18.27
CA VAL A 91 -6.38 3.85 -18.72
C VAL A 91 -6.28 3.31 -20.15
N MET A 92 -5.65 4.05 -21.04
CA MET A 92 -5.68 3.65 -22.45
C MET A 92 -4.77 2.55 -22.91
N LEU A 93 -3.61 2.37 -22.29
CA LEU A 93 -2.76 1.25 -22.67
C LEU A 93 -3.25 -0.06 -22.03
N LYS A 94 -4.46 -0.04 -21.47
CA LYS A 94 -5.02 -1.21 -20.78
C LYS A 94 -5.42 -2.27 -21.81
N ASP A 95 -4.99 -3.50 -21.51
CA ASP A 95 -5.04 -4.68 -22.41
C ASP A 95 -6.31 -4.78 -23.25
N LYS B 8 6.69 22.98 18.39
CA LYS B 8 6.49 21.95 17.31
C LYS B 8 7.34 22.32 16.12
N LEU B 9 7.13 23.50 15.57
CA LEU B 9 7.91 23.97 14.42
C LEU B 9 9.43 23.89 14.66
N ALA B 10 9.87 24.17 15.90
CA ALA B 10 11.31 24.13 16.23
C ALA B 10 11.93 22.73 16.30
N VAL B 11 11.10 21.73 16.59
CA VAL B 11 11.54 20.34 16.76
C VAL B 11 11.39 19.55 15.45
N LEU B 12 10.83 20.18 14.42
CA LEU B 12 10.62 19.48 13.13
C LEU B 12 11.94 18.98 12.57
N PRO B 13 11.97 17.71 12.13
CA PRO B 13 13.18 17.14 11.57
C PRO B 13 13.30 17.27 10.04
N GLU B 14 14.54 17.24 9.58
CA GLU B 14 14.85 17.28 8.17
C GLU B 14 14.86 15.83 7.68
N GLN B 15 13.66 15.27 7.52
CA GLN B 15 13.50 13.93 7.01
C GLN B 15 12.25 13.94 6.15
N PRO B 16 12.13 13.01 5.21
CA PRO B 16 10.89 12.99 4.48
C PRO B 16 9.77 12.45 5.37
N GLY B 17 8.55 12.62 4.90
CA GLY B 17 7.40 12.08 5.60
C GLY B 17 6.14 12.81 5.27
N CYS B 18 5.15 12.63 6.11
CA CYS B 18 3.87 13.28 5.89
C CYS B 18 3.47 14.10 7.09
N TYR B 19 2.75 15.18 6.80
CA TYR B 19 2.19 16.05 7.83
C TYR B 19 0.69 16.17 7.66
N LEU B 20 0.02 16.30 8.78
CA LEU B 20 -1.40 16.40 8.82
C LEU B 20 -1.71 17.75 9.46
N MET B 21 -2.16 18.71 8.66
CA MET B 21 -2.57 20.05 9.19
C MET B 21 -3.94 19.89 9.78
N LYS B 22 -4.16 20.45 10.96
CA LYS B 22 -5.44 20.28 11.65
C LYS B 22 -6.21 21.59 12.00
N ASP B 23 -7.51 21.39 12.25
CA ASP B 23 -8.49 22.41 12.68
C ASP B 23 -8.24 22.85 14.11
N LYS B 24 -8.92 23.93 14.53
CA LYS B 24 -8.97 24.28 15.95
C LYS B 24 -9.78 23.19 16.64
N HIS B 25 -10.72 22.62 15.89
CA HIS B 25 -11.62 21.60 16.39
C HIS B 25 -10.99 20.22 16.43
N GLY B 26 -9.77 20.09 15.86
CA GLY B 26 -8.98 18.85 15.95
C GLY B 26 -9.00 17.96 14.71
N THR B 27 -9.77 18.36 13.70
CA THR B 27 -9.93 17.60 12.46
C THR B 27 -8.75 17.80 11.53
N VAL B 28 -8.41 16.73 10.76
CA VAL B 28 -7.33 16.81 9.79
C VAL B 28 -7.89 17.49 8.53
N ILE B 29 -7.38 18.68 8.25
CA ILE B 29 -7.91 19.48 7.15
C ILE B 29 -7.02 19.44 5.92
N TYR B 30 -5.79 19.00 6.10
CA TYR B 30 -4.93 18.75 4.97
C TYR B 30 -3.85 17.71 5.33
N VAL B 31 -3.61 16.79 4.39
CA VAL B 31 -2.48 15.85 4.44
C VAL B 31 -1.50 16.15 3.29
N GLY B 32 -0.24 16.37 3.62
CA GLY B 32 0.75 16.61 2.60
C GLY B 32 1.96 15.71 2.74
N LYS B 33 2.75 15.68 1.70
CA LYS B 33 3.97 14.91 1.68
C LYS B 33 5.10 15.90 1.60
N ALA B 34 6.17 15.62 2.34
CA ALA B 34 7.39 16.43 2.33
C ALA B 34 8.64 15.56 2.11
N LYS B 35 9.55 16.05 1.25
CA LYS B 35 10.93 15.55 1.18
C LYS B 35 11.72 15.97 2.44
N SER B 36 11.33 17.11 3.01
CA SER B 36 11.83 17.55 4.32
C SER B 36 10.68 18.21 5.08
N LEU B 37 10.23 17.54 6.12
CA LEU B 37 9.15 18.01 6.97
C LEU B 37 9.44 19.41 7.53
N LYS B 38 10.67 19.59 8.03
CA LYS B 38 11.11 20.88 8.60
C LYS B 38 10.85 22.05 7.67
N GLU B 39 11.45 22.04 6.48
CA GLU B 39 11.25 23.11 5.51
C GLU B 39 9.75 23.26 5.17
N ARG B 40 9.15 22.18 4.64
CA ARG B 40 7.76 22.23 4.17
C ARG B 40 6.74 22.79 5.13
N VAL B 41 6.68 22.23 6.33
CA VAL B 41 5.70 22.67 7.31
C VAL B 41 5.93 24.16 7.67
N ARG B 42 7.18 24.53 7.94
CA ARG B 42 7.50 25.93 8.25
C ARG B 42 7.15 26.88 7.10
N SER B 43 7.35 26.44 5.85
CA SER B 43 7.05 27.27 4.68
C SER B 43 5.63 27.87 4.69
N TYR B 44 4.69 27.17 5.34
CA TYR B 44 3.29 27.61 5.43
C TYR B 44 3.09 28.90 6.23
N PHE B 45 4.02 29.17 7.14
CA PHE B 45 3.92 30.30 8.05
C PHE B 45 5.04 31.30 7.82
N THR B 46 5.54 31.36 6.58
CA THR B 46 6.57 32.33 6.21
C THR B 46 6.47 32.66 4.72
N GLY B 47 6.90 33.88 4.38
CA GLY B 47 6.84 34.37 3.00
C GLY B 47 5.41 34.66 2.57
N THR B 48 5.24 35.01 1.29
CA THR B 48 3.90 35.27 0.75
C THR B 48 3.23 33.93 0.42
N HIS B 49 1.94 33.98 0.11
CA HIS B 49 1.18 32.77 -0.22
C HIS B 49 0.02 33.06 -1.17
N ASP B 50 -0.31 32.10 -2.04
CA ASP B 50 -1.50 32.21 -2.88
C ASP B 50 -2.72 32.19 -1.98
N GLY B 51 -3.84 32.70 -2.52
CA GLY B 51 -5.10 32.79 -1.78
C GLY B 51 -5.62 31.48 -1.24
N LYS B 52 -5.74 30.48 -2.11
CA LYS B 52 -6.19 29.15 -1.71
C LYS B 52 -5.38 28.62 -0.52
N THR B 53 -4.05 28.74 -0.61
CA THR B 53 -3.15 28.30 0.47
C THR B 53 -3.26 29.19 1.71
N GLN B 54 -3.51 30.48 1.51
CA GLN B 54 -3.63 31.42 2.62
C GLN B 54 -4.82 31.05 3.53
N ARG B 55 -5.93 30.64 2.93
CA ARG B 55 -7.12 30.25 3.70
C ARG B 55 -6.85 29.06 4.60
N LEU B 56 -6.24 28.02 4.02
CA LEU B 56 -5.82 26.85 4.79
C LEU B 56 -5.01 27.28 6.02
N VAL B 57 -4.04 28.17 5.80
CA VAL B 57 -3.15 28.66 6.88
C VAL B 57 -3.89 29.31 8.03
N GLU B 58 -4.87 30.17 7.71
CA GLU B 58 -5.67 30.85 8.74
C GLU B 58 -6.48 29.83 9.53
N GLU B 59 -6.87 28.75 8.86
CA GLU B 59 -7.68 27.71 9.49
C GLU B 59 -6.85 26.74 10.34
N ILE B 60 -5.56 26.57 9.98
CA ILE B 60 -4.66 25.64 10.68
C ILE B 60 -4.38 26.04 12.13
N ALA B 61 -4.84 25.19 13.05
CA ALA B 61 -4.61 25.38 14.47
C ALA B 61 -3.49 24.52 15.01
N ASP B 62 -3.27 23.35 14.42
CA ASP B 62 -2.30 22.40 14.96
C ASP B 62 -1.85 21.43 13.84
N PHE B 63 -0.94 20.52 14.17
CA PHE B 63 -0.47 19.50 13.21
C PHE B 63 0.33 18.38 13.87
N GLU B 64 0.44 17.26 13.16
CA GLU B 64 1.39 16.22 13.52
C GLU B 64 2.07 15.77 12.23
N TYR B 65 3.10 14.97 12.37
CA TYR B 65 3.80 14.41 11.22
C TYR B 65 4.20 12.97 11.49
N ILE B 66 4.41 12.21 10.41
CA ILE B 66 4.94 10.87 10.47
C ILE B 66 6.17 10.90 9.58
N VAL B 67 7.31 10.52 10.12
CA VAL B 67 8.55 10.55 9.41
C VAL B 67 8.61 9.25 8.62
N THR B 68 9.29 9.27 7.47
CA THR B 68 9.43 8.05 6.68
C THR B 68 10.88 7.89 6.33
N SER B 69 11.22 6.70 5.85
CA SER B 69 12.59 6.34 5.52
C SER B 69 12.94 6.71 4.10
N SER B 70 11.94 7.02 3.29
CA SER B 70 12.20 7.37 1.89
C SER B 70 11.06 8.26 1.35
N ASN B 71 11.31 8.87 0.20
CA ASN B 71 10.27 9.61 -0.51
C ASN B 71 9.17 8.67 -1.02
N ALA B 72 9.57 7.49 -1.49
CA ALA B 72 8.61 6.43 -1.86
C ALA B 72 7.64 6.13 -0.74
N GLU B 73 8.19 5.89 0.44
CA GLU B 73 7.35 5.61 1.60
C GLU B 73 6.46 6.78 1.97
N ALA B 74 6.96 8.01 1.83
CA ALA B 74 6.14 9.18 2.09
C ALA B 74 4.94 9.28 1.15
N LEU B 75 5.14 8.92 -0.11
CA LEU B 75 4.06 8.97 -1.09
C LEU B 75 2.98 7.93 -0.77
N ILE B 76 3.41 6.71 -0.45
CA ILE B 76 2.47 5.64 -0.12
C ILE B 76 1.69 6.02 1.17
N LEU B 77 2.43 6.50 2.16
CA LEU B 77 1.81 7.01 3.41
C LEU B 77 0.79 8.11 3.12
N GLU B 78 1.20 9.09 2.30
CA GLU B 78 0.33 10.18 1.92
C GLU B 78 -1.02 9.71 1.42
N MET B 79 -1.04 8.76 0.50
CA MET B 79 -2.26 8.34 -0.11
C MET B 79 -3.10 7.57 0.89
N ASN B 80 -2.46 6.81 1.79
CA ASN B 80 -3.18 6.07 2.83
C ASN B 80 -3.80 7.01 3.89
N LEU B 81 -3.08 8.09 4.21
CA LEU B 81 -3.61 9.11 5.12
C LEU B 81 -4.78 9.90 4.55
N ILE B 82 -4.68 10.26 3.28
CA ILE B 82 -5.76 10.91 2.56
C ILE B 82 -6.98 10.01 2.56
N LYS B 83 -6.80 8.70 2.27
CA LYS B 83 -7.92 7.76 2.34
C LYS B 83 -8.56 7.74 3.76
N LYS B 84 -7.71 7.67 4.77
CA LYS B 84 -8.15 7.62 6.15
C LYS B 84 -8.91 8.88 6.55
N HIS B 85 -8.33 10.04 6.31
CA HIS B 85 -8.90 11.30 6.76
C HIS B 85 -9.74 12.08 5.77
N ASP B 86 -9.61 11.79 4.47
CA ASP B 86 -10.31 12.56 3.44
C ASP B 86 -10.34 14.06 3.81
N PRO B 87 -9.17 14.71 3.86
CA PRO B 87 -9.12 16.13 4.31
C PRO B 87 -9.74 17.09 3.29
N LYS B 88 -10.45 18.12 3.80
CA LYS B 88 -11.21 19.06 2.96
C LYS B 88 -10.35 19.76 1.94
N TYR B 89 -9.18 20.21 2.35
CA TYR B 89 -8.33 21.00 1.44
C TYR B 89 -7.61 20.18 0.39
N ASN B 90 -7.51 18.86 0.59
CA ASN B 90 -6.95 18.00 -0.45
C ASN B 90 -7.91 17.92 -1.62
N VAL B 91 -9.20 17.93 -1.34
CA VAL B 91 -10.22 17.91 -2.39
C VAL B 91 -10.16 19.19 -3.24
N MET B 92 -10.06 20.34 -2.59
CA MET B 92 -10.20 21.63 -3.27
C MET B 92 -8.92 22.34 -3.72
N LEU B 93 -7.77 21.91 -3.20
CA LEU B 93 -6.47 22.40 -3.69
C LEU B 93 -5.96 21.50 -4.84
N LYS B 94 -6.87 20.83 -5.55
CA LYS B 94 -6.49 19.95 -6.66
C LYS B 94 -5.49 20.66 -7.60
N ASP B 95 -4.25 20.15 -7.64
CA ASP B 95 -3.17 20.73 -8.45
C ASP B 95 -3.33 20.38 -9.92
N MET C 1 -13.38 -15.50 27.82
CA MET C 1 -13.46 -16.93 27.36
C MET C 1 -12.93 -17.81 28.49
N ASN C 2 -12.34 -18.94 28.11
CA ASN C 2 -11.78 -19.90 29.02
C ASN C 2 -10.24 -19.84 28.99
N GLU C 3 -9.60 -21.00 29.15
CA GLU C 3 -8.16 -21.06 29.28
C GLU C 3 -7.42 -20.58 28.04
N ARG C 4 -8.03 -20.83 26.87
CA ARG C 4 -7.39 -20.55 25.60
C ARG C 4 -7.17 -19.06 25.39
N LEU C 5 -8.26 -18.30 25.49
CA LEU C 5 -8.20 -16.85 25.29
C LEU C 5 -7.31 -16.20 26.31
N LYS C 6 -7.32 -16.71 27.54
CA LYS C 6 -6.50 -16.10 28.57
C LYS C 6 -5.04 -16.31 28.32
N GLU C 7 -4.68 -17.52 27.90
CA GLU C 7 -3.32 -17.81 27.53
C GLU C 7 -2.90 -17.01 26.28
N LYS C 8 -3.82 -16.89 25.33
CA LYS C 8 -3.55 -16.17 24.08
C LYS C 8 -3.35 -14.67 24.38
N LEU C 9 -4.15 -14.12 25.28
CA LEU C 9 -3.91 -12.77 25.80
C LEU C 9 -2.56 -12.68 26.56
N ALA C 10 -2.17 -13.74 27.28
CA ALA C 10 -0.90 -13.76 28.04
C ALA C 10 0.33 -13.71 27.16
N VAL C 11 0.21 -14.21 25.95
CA VAL C 11 1.37 -14.29 25.11
C VAL C 11 1.41 -13.25 23.97
N LEU C 12 0.53 -12.27 24.02
CA LEU C 12 0.62 -11.13 23.12
C LEU C 12 2.00 -10.48 23.27
N PRO C 13 2.61 -10.05 22.16
CA PRO C 13 3.93 -9.44 22.27
C PRO C 13 3.91 -7.96 22.58
N GLU C 14 4.96 -7.52 23.23
CA GLU C 14 5.22 -6.11 23.43
C GLU C 14 5.94 -5.67 22.14
N GLN C 15 5.15 -5.51 21.07
CA GLN C 15 5.54 -5.08 19.72
C GLN C 15 4.44 -4.24 19.19
N PRO C 16 4.76 -3.25 18.36
CA PRO C 16 3.77 -2.46 17.68
C PRO C 16 3.21 -3.29 16.52
N GLY C 17 1.99 -2.95 16.10
CA GLY C 17 1.39 -3.66 14.92
C GLY C 17 -0.09 -3.39 14.76
N CYS C 18 -0.71 -4.19 13.90
CA CYS C 18 -2.14 -4.19 13.72
C CYS C 18 -2.72 -5.46 14.31
N TYR C 19 -3.92 -5.34 14.89
CA TYR C 19 -4.69 -6.46 15.43
C TYR C 19 -5.99 -6.59 14.67
N LEU C 20 -6.43 -7.83 14.55
CA LEU C 20 -7.60 -8.24 13.85
C LEU C 20 -8.51 -8.96 14.83
N MET C 21 -9.60 -8.33 15.23
CA MET C 21 -10.56 -8.97 16.12
C MET C 21 -11.48 -9.85 15.31
N LYS C 22 -11.76 -11.07 15.78
CA LYS C 22 -12.60 -12.00 15.06
C LYS C 22 -13.80 -12.42 15.90
N ASP C 23 -14.92 -12.72 15.25
CA ASP C 23 -16.12 -13.25 15.95
C ASP C 23 -16.03 -14.80 16.07
N LYS C 24 -17.08 -15.43 16.60
CA LYS C 24 -17.12 -16.91 16.75
C LYS C 24 -17.02 -17.64 15.43
N HIS C 25 -17.39 -16.94 14.37
CA HIS C 25 -17.41 -17.50 13.06
C HIS C 25 -15.99 -17.49 12.47
N GLY C 26 -15.13 -16.57 12.93
CA GLY C 26 -13.77 -16.40 12.39
C GLY C 26 -13.60 -15.16 11.51
N THR C 27 -14.68 -14.40 11.39
CA THR C 27 -14.72 -13.23 10.56
C THR C 27 -14.06 -12.07 11.27
N VAL C 28 -13.29 -11.29 10.53
CA VAL C 28 -12.65 -10.10 11.06
C VAL C 28 -13.73 -9.07 11.16
N ILE C 29 -13.94 -8.61 12.38
CA ILE C 29 -14.94 -7.60 12.67
C ILE C 29 -14.38 -6.24 13.10
N TYR C 30 -13.09 -6.16 13.39
CA TYR C 30 -12.44 -4.91 13.71
C TYR C 30 -10.94 -4.99 13.45
N VAL C 31 -10.40 -3.94 12.87
CA VAL C 31 -8.96 -3.77 12.65
C VAL C 31 -8.49 -2.50 13.31
N GLY C 32 -7.44 -2.59 14.11
CA GLY C 32 -6.83 -1.40 14.69
C GLY C 32 -5.31 -1.51 14.70
N LYS C 33 -4.64 -0.43 15.12
CA LYS C 33 -3.21 -0.45 15.33
C LYS C 33 -2.84 -0.04 16.75
N ALA C 34 -1.60 -0.35 17.15
CA ALA C 34 -1.18 -0.18 18.53
C ALA C 34 0.30 -0.02 18.59
N LYS C 35 0.77 0.83 19.50
CA LYS C 35 2.19 0.90 19.80
C LYS C 35 2.62 -0.36 20.58
N SER C 36 1.69 -0.94 21.35
CA SER C 36 1.91 -2.21 22.05
C SER C 36 0.70 -3.07 21.82
N LEU C 37 0.87 -4.11 21.02
CA LEU C 37 -0.21 -5.08 20.78
C LEU C 37 -0.74 -5.70 22.08
N LYS C 38 0.18 -6.09 22.97
CA LYS C 38 -0.17 -6.62 24.28
C LYS C 38 -1.10 -5.65 25.04
N GLU C 39 -0.69 -4.38 25.15
CA GLU C 39 -1.48 -3.39 25.91
C GLU C 39 -2.83 -3.16 25.24
N ARG C 40 -2.83 -2.95 23.92
CA ARG C 40 -4.07 -2.54 23.24
C ARG C 40 -5.11 -3.63 23.13
N VAL C 41 -4.70 -4.83 22.73
CA VAL C 41 -5.61 -5.95 22.68
C VAL C 41 -6.19 -6.29 24.06
N ARG C 42 -5.34 -6.36 25.08
CA ARG C 42 -5.81 -6.66 26.43
C ARG C 42 -6.86 -5.66 26.92
N SER C 43 -6.71 -4.40 26.53
CA SER C 43 -7.59 -3.33 27.03
C SER C 43 -9.08 -3.53 26.71
N TYR C 44 -9.35 -4.33 25.68
CA TYR C 44 -10.73 -4.63 25.30
C TYR C 44 -11.44 -5.53 26.35
N PHE C 45 -10.65 -6.29 27.11
CA PHE C 45 -11.17 -7.34 28.01
C PHE C 45 -11.08 -6.93 29.49
N THR C 46 -10.71 -5.67 29.71
CA THR C 46 -10.52 -5.13 31.02
C THR C 46 -11.13 -3.73 31.08
N GLY C 47 -11.47 -3.31 32.30
CA GLY C 47 -11.97 -1.96 32.56
C GLY C 47 -13.35 -1.68 32.00
N THR C 48 -13.58 -0.42 31.66
CA THR C 48 -14.87 0.11 31.21
C THR C 48 -14.78 0.55 29.74
N HIS C 49 -15.90 0.48 29.02
CA HIS C 49 -15.95 0.94 27.63
C HIS C 49 -17.29 1.64 27.33
N ASP C 50 -17.27 2.50 26.31
CA ASP C 50 -18.49 3.17 25.83
C ASP C 50 -19.42 2.16 25.16
N GLY C 51 -20.65 2.58 24.91
CA GLY C 51 -21.67 1.71 24.37
C GLY C 51 -21.30 1.11 23.05
N LYS C 52 -20.74 1.91 22.16
CA LYS C 52 -20.36 1.41 20.83
C LYS C 52 -19.32 0.29 20.93
N THR C 53 -18.31 0.54 21.76
CA THR C 53 -17.19 -0.39 21.93
C THR C 53 -17.59 -1.65 22.71
N GLN C 54 -18.55 -1.55 23.65
CA GLN C 54 -19.02 -2.75 24.37
C GLN C 54 -19.67 -3.76 23.43
N ARG C 55 -20.37 -3.29 22.40
CA ARG C 55 -20.97 -4.19 21.41
C ARG C 55 -19.87 -5.00 20.67
N LEU C 56 -18.77 -4.33 20.34
CA LEU C 56 -17.65 -5.01 19.72
C LEU C 56 -17.09 -6.03 20.69
N VAL C 57 -16.81 -5.59 21.91
CA VAL C 57 -16.20 -6.43 22.93
C VAL C 57 -17.04 -7.68 23.11
N GLU C 58 -18.36 -7.50 23.22
CA GLU C 58 -19.28 -8.63 23.38
C GLU C 58 -19.05 -9.69 22.29
N GLU C 59 -18.78 -9.27 21.03
CA GLU C 59 -18.65 -10.20 19.88
C GLU C 59 -17.27 -10.81 19.64
N ILE C 60 -16.22 -10.31 20.31
CA ILE C 60 -14.88 -10.87 20.09
C ILE C 60 -14.74 -12.28 20.66
N ALA C 61 -14.42 -13.24 19.79
CA ALA C 61 -14.06 -14.58 20.25
C ALA C 61 -12.57 -14.91 20.10
N ASP C 62 -11.87 -14.19 19.22
CA ASP C 62 -10.47 -14.49 18.92
C ASP C 62 -9.82 -13.25 18.32
N PHE C 63 -8.51 -13.34 18.09
CA PHE C 63 -7.80 -12.26 17.46
C PHE C 63 -6.50 -12.75 16.84
N GLU C 64 -6.03 -11.96 15.88
CA GLU C 64 -4.77 -12.18 15.20
C GLU C 64 -3.99 -10.87 15.23
N TYR C 65 -2.67 -10.91 15.02
CA TYR C 65 -1.92 -9.67 14.91
C TYR C 65 -0.85 -9.79 13.85
N ILE C 66 -0.38 -8.63 13.40
CA ILE C 66 0.72 -8.51 12.45
C ILE C 66 1.63 -7.45 13.04
N VAL C 67 2.88 -7.81 13.30
CA VAL C 67 3.83 -6.80 13.82
C VAL C 67 4.39 -5.88 12.76
N THR C 68 4.50 -4.60 13.11
CA THR C 68 5.07 -3.60 12.20
C THR C 68 6.43 -3.08 12.74
N SER C 69 7.16 -2.32 11.92
CA SER C 69 8.48 -1.80 12.28
C SER C 69 8.60 -0.27 12.15
N SER C 70 7.50 0.43 11.86
CA SER C 70 7.51 1.90 11.83
C SER C 70 6.10 2.42 11.91
N ASN C 71 5.97 3.68 12.38
CA ASN C 71 4.68 4.36 12.41
C ASN C 71 4.01 4.42 11.01
N ALA C 72 4.81 4.72 9.99
CA ALA C 72 4.35 4.73 8.62
C ALA C 72 3.77 3.36 8.20
N GLU C 73 4.55 2.29 8.34
CA GLU C 73 4.08 0.91 8.08
C GLU C 73 2.80 0.55 8.81
N ALA C 74 2.69 0.88 10.10
CA ALA C 74 1.48 0.51 10.82
C ALA C 74 0.23 1.15 10.24
N LEU C 75 0.33 2.42 9.85
CA LEU C 75 -0.76 3.16 9.26
C LEU C 75 -1.12 2.50 7.92
N ILE C 76 -0.10 2.28 7.08
CA ILE C 76 -0.33 1.70 5.76
C ILE C 76 -0.97 0.30 5.89
N LEU C 77 -0.44 -0.52 6.80
CA LEU C 77 -0.96 -1.84 6.98
C LEU C 77 -2.42 -1.79 7.41
N GLU C 78 -2.69 -0.92 8.37
CA GLU C 78 -4.05 -0.75 8.87
C GLU C 78 -5.06 -0.47 7.74
N MET C 79 -4.70 0.43 6.85
CA MET C 79 -5.61 0.84 5.79
C MET C 79 -5.82 -0.33 4.81
N ASN C 80 -4.76 -1.07 4.54
CA ASN C 80 -4.79 -2.24 3.70
C ASN C 80 -5.59 -3.41 4.30
N LEU C 81 -5.49 -3.62 5.62
CA LEU C 81 -6.30 -4.61 6.29
C LEU C 81 -7.77 -4.28 6.26
N ILE C 82 -8.10 -3.00 6.43
CA ILE C 82 -9.49 -2.52 6.41
C ILE C 82 -10.11 -2.74 5.02
N LYS C 83 -9.38 -2.38 3.98
CA LYS C 83 -9.76 -2.69 2.62
C LYS C 83 -9.95 -4.19 2.38
N LYS C 84 -8.99 -5.00 2.83
CA LYS C 84 -9.10 -6.45 2.69
C LYS C 84 -10.35 -7.01 3.34
N HIS C 85 -10.63 -6.61 4.58
CA HIS C 85 -11.64 -7.28 5.39
C HIS C 85 -12.92 -6.52 5.53
N ASP C 86 -12.92 -5.24 5.16
CA ASP C 86 -14.09 -4.37 5.32
C ASP C 86 -14.81 -4.69 6.64
N PRO C 87 -14.07 -4.60 7.78
CA PRO C 87 -14.65 -5.05 9.05
C PRO C 87 -15.86 -4.24 9.55
N LYS C 88 -16.92 -4.91 10.01
CA LYS C 88 -18.14 -4.17 10.36
C LYS C 88 -17.94 -3.05 11.38
N TYR C 89 -17.11 -3.25 12.40
CA TYR C 89 -16.94 -2.16 13.40
C TYR C 89 -16.02 -1.00 13.00
N ASN C 90 -15.22 -1.18 11.95
CA ASN C 90 -14.50 -0.04 11.42
C ASN C 90 -15.53 0.87 10.77
N VAL C 91 -16.57 0.29 10.21
CA VAL C 91 -17.64 1.08 9.62
C VAL C 91 -18.39 1.77 10.76
N MET C 92 -18.84 1.00 11.75
CA MET C 92 -19.75 1.54 12.78
C MET C 92 -19.06 2.46 13.78
N LEU C 93 -17.77 2.24 14.03
CA LEU C 93 -17.01 3.04 14.98
C LEU C 93 -16.29 4.25 14.35
N LYS C 94 -16.39 4.42 13.03
CA LYS C 94 -15.76 5.57 12.36
C LYS C 94 -16.43 6.87 12.78
N ASN D 2 4.40 -30.75 -15.02
CA ASN D 2 5.49 -30.10 -15.80
C ASN D 2 6.84 -30.09 -15.07
N GLU D 3 7.92 -30.15 -15.85
CA GLU D 3 9.30 -30.18 -15.36
C GLU D 3 9.83 -28.80 -14.93
N ARG D 4 9.62 -27.79 -15.78
CA ARG D 4 10.00 -26.43 -15.44
C ARG D 4 9.31 -26.07 -14.12
N LEU D 5 8.03 -26.41 -14.02
CA LEU D 5 7.21 -26.13 -12.84
C LEU D 5 7.67 -26.87 -11.57
N LYS D 6 8.12 -28.12 -11.71
CA LYS D 6 8.66 -28.86 -10.57
C LYS D 6 9.89 -28.13 -10.04
N GLU D 7 10.75 -27.67 -10.95
CA GLU D 7 11.96 -26.93 -10.59
C GLU D 7 11.65 -25.62 -9.89
N LYS D 8 10.63 -24.91 -10.37
CA LYS D 8 10.20 -23.65 -9.74
C LYS D 8 9.77 -23.93 -8.33
N LEU D 9 8.95 -24.98 -8.16
CA LEU D 9 8.45 -25.36 -6.85
C LEU D 9 9.54 -25.75 -5.89
N ALA D 10 10.58 -26.41 -6.41
CA ALA D 10 11.66 -26.92 -5.56
C ALA D 10 12.50 -25.83 -4.88
N VAL D 11 12.69 -24.70 -5.55
CA VAL D 11 13.59 -23.69 -5.04
C VAL D 11 12.82 -22.51 -4.42
N LEU D 12 11.52 -22.69 -4.19
CA LEU D 12 10.67 -21.75 -3.44
C LEU D 12 11.29 -21.43 -2.07
N PRO D 13 11.34 -20.14 -1.71
CA PRO D 13 11.95 -19.80 -0.44
C PRO D 13 10.98 -19.93 0.73
N GLU D 14 11.52 -20.24 1.90
CA GLU D 14 10.77 -20.16 3.14
C GLU D 14 10.83 -18.69 3.58
N GLN D 15 10.09 -17.83 2.88
CA GLN D 15 10.11 -16.39 3.17
C GLN D 15 8.72 -15.87 2.95
N PRO D 16 8.37 -14.75 3.59
CA PRO D 16 7.06 -14.17 3.29
C PRO D 16 7.06 -13.43 1.94
N GLY D 17 5.88 -13.27 1.40
CA GLY D 17 5.69 -12.49 0.18
C GLY D 17 4.35 -12.77 -0.45
N CYS D 18 4.28 -12.53 -1.77
CA CYS D 18 3.06 -12.73 -2.52
C CYS D 18 3.32 -13.60 -3.72
N TYR D 19 2.34 -14.43 -4.04
CA TYR D 19 2.46 -15.28 -5.24
C TYR D 19 1.35 -14.93 -6.22
N LEU D 20 1.69 -15.08 -7.50
CA LEU D 20 0.82 -14.76 -8.61
C LEU D 20 0.67 -15.99 -9.47
N MET D 21 -0.49 -16.61 -9.39
CA MET D 21 -0.83 -17.75 -10.25
C MET D 21 -1.22 -17.27 -11.65
N LYS D 22 -0.74 -17.99 -12.69
CA LYS D 22 -0.94 -17.59 -14.06
C LYS D 22 -1.54 -18.74 -14.91
N ASP D 23 -2.33 -18.40 -15.91
CA ASP D 23 -2.91 -19.41 -16.82
C ASP D 23 -1.92 -19.71 -17.95
N LYS D 24 -2.31 -20.63 -18.84
CA LYS D 24 -1.47 -20.96 -19.97
C LYS D 24 -0.94 -19.73 -20.73
N HIS D 25 -1.76 -18.67 -20.84
CA HIS D 25 -1.38 -17.47 -21.61
C HIS D 25 -0.64 -16.35 -20.82
N GLY D 26 -0.33 -16.60 -19.56
CA GLY D 26 0.43 -15.65 -18.74
C GLY D 26 -0.39 -14.61 -18.00
N THR D 27 -1.71 -14.78 -18.02
CA THR D 27 -2.60 -13.85 -17.35
C THR D 27 -2.64 -14.22 -15.88
N VAL D 28 -2.50 -13.21 -15.02
CA VAL D 28 -2.58 -13.46 -13.57
C VAL D 28 -4.01 -13.83 -13.20
N ILE D 29 -4.24 -15.02 -12.63
CA ILE D 29 -5.60 -15.46 -12.24
C ILE D 29 -5.90 -15.54 -10.75
N TYR D 30 -4.85 -15.52 -9.91
CA TYR D 30 -5.01 -15.41 -8.46
C TYR D 30 -3.77 -14.77 -7.84
N VAL D 31 -3.97 -13.88 -6.86
CA VAL D 31 -2.86 -13.33 -6.07
C VAL D 31 -3.08 -13.70 -4.61
N GLY D 32 -2.07 -14.24 -3.96
CA GLY D 32 -2.16 -14.52 -2.52
C GLY D 32 -0.94 -14.03 -1.74
N LYS D 33 -1.14 -13.94 -0.43
CA LYS D 33 -0.08 -13.63 0.51
C LYS D 33 0.36 -14.92 1.20
N ALA D 34 1.62 -14.97 1.58
CA ALA D 34 2.13 -16.11 2.32
C ALA D 34 3.11 -15.71 3.39
N LYS D 35 2.97 -16.34 4.56
CA LYS D 35 4.03 -16.33 5.60
C LYS D 35 5.26 -17.13 5.16
N SER D 36 5.01 -18.24 4.44
CA SER D 36 6.09 -19.02 3.79
C SER D 36 5.65 -19.34 2.38
N LEU D 37 6.33 -18.75 1.41
CA LEU D 37 5.98 -18.93 0.00
C LEU D 37 6.13 -20.41 -0.43
N LYS D 38 7.16 -21.09 0.07
CA LYS D 38 7.35 -22.52 -0.18
C LYS D 38 6.12 -23.36 0.22
N GLU D 39 5.70 -23.24 1.49
CA GLU D 39 4.52 -23.98 2.00
C GLU D 39 3.23 -23.65 1.26
N ARG D 40 2.93 -22.37 1.11
CA ARG D 40 1.69 -21.94 0.46
C ARG D 40 1.62 -22.27 -1.03
N VAL D 41 2.64 -21.93 -1.80
CA VAL D 41 2.56 -22.23 -3.26
C VAL D 41 2.48 -23.77 -3.54
N ARG D 42 3.30 -24.55 -2.84
CA ARG D 42 3.28 -26.02 -2.98
C ARG D 42 1.96 -26.63 -2.55
N SER D 43 1.29 -26.05 -1.57
CA SER D 43 0.01 -26.59 -1.10
C SER D 43 -1.05 -26.69 -2.21
N TYR D 44 -0.94 -25.90 -3.28
CA TYR D 44 -1.91 -25.96 -4.38
C TYR D 44 -1.72 -27.19 -5.30
N PHE D 45 -0.54 -27.81 -5.22
CA PHE D 45 -0.19 -28.90 -6.11
C PHE D 45 -0.10 -30.24 -5.38
N THR D 46 -0.69 -30.31 -4.18
CA THR D 46 -0.75 -31.57 -3.46
C THR D 46 -1.91 -31.55 -2.46
N GLY D 47 -2.36 -32.74 -2.06
CA GLY D 47 -3.49 -32.87 -1.15
C GLY D 47 -4.80 -32.63 -1.85
N THR D 48 -5.84 -32.30 -1.09
CA THR D 48 -7.18 -32.07 -1.62
C THR D 48 -7.65 -30.63 -1.40
N HIS D 49 -8.49 -30.15 -2.31
CA HIS D 49 -9.07 -28.81 -2.23
C HIS D 49 -10.56 -28.84 -2.59
N ASP D 50 -11.29 -27.79 -2.19
CA ASP D 50 -12.72 -27.67 -2.54
C ASP D 50 -12.92 -27.53 -4.05
N GLY D 51 -14.17 -27.60 -4.47
CA GLY D 51 -14.52 -27.50 -5.87
C GLY D 51 -14.10 -26.19 -6.51
N LYS D 52 -14.34 -25.09 -5.81
CA LYS D 52 -14.04 -23.76 -6.34
C LYS D 52 -12.54 -23.52 -6.44
N THR D 53 -11.81 -24.02 -5.44
CA THR D 53 -10.36 -23.94 -5.44
C THR D 53 -9.75 -24.90 -6.44
N GLN D 54 -10.38 -26.07 -6.63
CA GLN D 54 -9.87 -27.04 -7.59
C GLN D 54 -9.93 -26.47 -9.02
N ARG D 55 -10.91 -25.61 -9.29
CA ARG D 55 -11.00 -24.98 -10.62
C ARG D 55 -9.82 -24.03 -10.86
N LEU D 56 -9.51 -23.23 -9.83
CA LEU D 56 -8.27 -22.44 -9.86
C LEU D 56 -7.10 -23.36 -10.21
N VAL D 57 -6.95 -24.41 -9.42
CA VAL D 57 -5.83 -25.37 -9.54
C VAL D 57 -5.69 -25.94 -10.95
N GLU D 58 -6.83 -26.27 -11.58
CA GLU D 58 -6.90 -26.74 -12.98
C GLU D 58 -6.32 -25.76 -13.98
N GLU D 59 -6.47 -24.46 -13.73
CA GLU D 59 -6.00 -23.43 -14.67
C GLU D 59 -4.54 -23.02 -14.47
N ILE D 60 -3.90 -23.47 -13.39
CA ILE D 60 -2.54 -23.01 -13.11
C ILE D 60 -1.50 -23.64 -14.05
N ALA D 61 -0.98 -22.82 -14.98
CA ALA D 61 0.12 -23.21 -15.88
C ALA D 61 1.50 -22.71 -15.46
N ASP D 62 1.56 -21.71 -14.57
CA ASP D 62 2.81 -21.09 -14.20
C ASP D 62 2.54 -20.18 -12.98
N PHE D 63 3.58 -19.77 -12.30
CA PHE D 63 3.39 -18.82 -11.19
C PHE D 63 4.63 -18.01 -11.01
N GLU D 64 4.47 -16.94 -10.24
CA GLU D 64 5.56 -16.02 -9.98
C GLU D 64 5.37 -15.56 -8.54
N TYR D 65 6.42 -15.05 -7.91
CA TYR D 65 6.28 -14.56 -6.55
C TYR D 65 7.21 -13.44 -6.33
N ILE D 66 6.87 -12.64 -5.31
CA ILE D 66 7.67 -11.48 -4.90
C ILE D 66 7.90 -11.59 -3.41
N VAL D 67 9.17 -11.69 -3.02
CA VAL D 67 9.54 -11.82 -1.62
C VAL D 67 9.48 -10.45 -0.93
N THR D 68 8.99 -10.41 0.30
CA THR D 68 8.91 -9.17 1.10
C THR D 68 9.77 -9.30 2.34
N SER D 69 10.00 -8.20 3.05
CA SER D 69 10.79 -8.24 4.28
C SER D 69 10.05 -8.83 5.46
N SER D 70 8.73 -8.82 5.42
CA SER D 70 7.95 -9.17 6.62
C SER D 70 6.55 -9.55 6.20
N ASN D 71 5.79 -10.06 7.16
CA ASN D 71 4.39 -10.36 6.89
C ASN D 71 3.64 -9.07 6.63
N ALA D 72 4.00 -7.98 7.32
CA ALA D 72 3.30 -6.70 7.15
C ALA D 72 3.42 -6.23 5.70
N GLU D 73 4.63 -6.32 5.15
CA GLU D 73 4.86 -5.91 3.76
C GLU D 73 4.20 -6.83 2.78
N ALA D 74 4.11 -8.13 3.07
CA ALA D 74 3.40 -9.07 2.24
C ALA D 74 1.92 -8.75 2.16
N LEU D 75 1.32 -8.32 3.27
CA LEU D 75 -0.08 -7.89 3.25
C LEU D 75 -0.33 -6.69 2.33
N ILE D 76 0.44 -5.64 2.53
CA ILE D 76 0.39 -4.42 1.73
C ILE D 76 0.59 -4.72 0.22
N LEU D 77 1.61 -5.51 -0.08
CA LEU D 77 1.87 -5.91 -1.46
C LEU D 77 0.71 -6.69 -2.01
N GLU D 78 0.15 -7.58 -1.22
CA GLU D 78 -0.99 -8.38 -1.66
C GLU D 78 -2.14 -7.52 -2.17
N MET D 79 -2.52 -6.50 -1.40
CA MET D 79 -3.69 -5.71 -1.77
C MET D 79 -3.38 -4.87 -3.01
N ASN D 80 -2.14 -4.41 -3.13
CA ASN D 80 -1.72 -3.63 -4.30
C ASN D 80 -1.68 -4.46 -5.57
N LEU D 81 -1.21 -5.69 -5.45
CA LEU D 81 -1.21 -6.64 -6.58
C LEU D 81 -2.61 -7.06 -7.04
N ILE D 82 -3.52 -7.20 -6.10
CA ILE D 82 -4.96 -7.48 -6.41
C ILE D 82 -5.55 -6.28 -7.20
N LYS D 83 -5.28 -5.06 -6.73
CA LYS D 83 -5.71 -3.85 -7.45
C LYS D 83 -5.12 -3.81 -8.86
N LYS D 84 -3.84 -4.10 -8.97
CA LYS D 84 -3.16 -4.06 -10.26
C LYS D 84 -3.73 -5.09 -11.26
N HIS D 85 -3.95 -6.32 -10.81
CA HIS D 85 -4.26 -7.41 -11.75
C HIS D 85 -5.70 -7.82 -11.75
N ASP D 86 -6.43 -7.41 -10.74
CA ASP D 86 -7.83 -7.78 -10.56
C ASP D 86 -8.08 -9.26 -10.97
N PRO D 87 -7.44 -10.23 -10.28
CA PRO D 87 -7.42 -11.62 -10.73
C PRO D 87 -8.77 -12.33 -10.57
N LYS D 88 -9.17 -13.10 -11.59
CA LYS D 88 -10.51 -13.70 -11.61
C LYS D 88 -10.80 -14.49 -10.36
N TYR D 89 -9.84 -15.27 -9.87
CA TYR D 89 -10.15 -16.12 -8.72
C TYR D 89 -10.19 -15.41 -7.38
N ASN D 90 -9.59 -14.22 -7.28
CA ASN D 90 -9.73 -13.43 -6.07
C ASN D 90 -11.17 -12.97 -5.80
N VAL D 91 -11.90 -12.63 -6.84
CA VAL D 91 -13.31 -12.20 -6.67
C VAL D 91 -14.22 -13.43 -6.48
N MET D 92 -13.97 -14.51 -7.23
CA MET D 92 -14.81 -15.72 -7.17
C MET D 92 -14.67 -16.47 -5.85
N LEU D 93 -13.46 -16.51 -5.30
CA LEU D 93 -13.18 -17.27 -4.08
C LEU D 93 -13.27 -16.43 -2.81
N LYS D 94 -13.64 -15.16 -2.93
CA LYS D 94 -13.64 -14.25 -1.77
C LYS D 94 -14.67 -14.61 -0.70
N ASP D 95 -15.96 -14.51 -1.06
CA ASP D 95 -17.06 -14.76 -0.10
C ASP D 95 -17.08 -16.23 0.34
N ASP D 96 -17.95 -16.54 1.31
CA ASP D 96 -17.98 -17.90 1.91
C ASP D 96 -18.48 -18.99 0.94
N LYS D 97 -18.53 -20.22 1.46
CA LYS D 97 -18.87 -21.44 0.70
C LYS D 97 -17.67 -21.94 -0.12
CL CL E . -1.02 0.94 -0.03
S SO4 F . 9.77 -5.02 -14.65
O1 SO4 F . 9.71 -6.42 -14.21
O2 SO4 F . 9.10 -4.92 -15.95
O3 SO4 F . 9.08 -4.19 -13.68
O4 SO4 F . 11.15 -4.54 -14.82
S SO4 G . -8.61 2.39 -2.93
O1 SO4 G . -7.77 2.76 -1.80
O2 SO4 G . -9.64 1.45 -2.48
O3 SO4 G . -9.22 3.60 -3.47
O4 SO4 G . -7.80 1.75 -3.96
S SO4 H . 3.30 -9.76 30.57
O1 SO4 H . 3.45 -10.56 31.79
O2 SO4 H . 2.70 -10.60 29.55
O3 SO4 H . 2.47 -8.63 30.94
O4 SO4 H . 4.61 -9.30 30.14
CL CL I . -5.12 -10.78 6.61
CL CL J . 2.86 -3.30 26.88
#